data_2WFW
#
_entry.id   2WFW
#
_cell.length_a   100.330
_cell.length_b   100.330
_cell.length_c   88.000
_cell.angle_alpha   90.00
_cell.angle_beta   90.00
_cell.angle_gamma   120.00
#
_symmetry.space_group_name_H-M   'P 32 2 1'
#
loop_
_entity.id
_entity.type
_entity.pdbx_description
1 polymer ARC
2 water water
#
_entity_poly.entity_id   1
_entity_poly.type   'polypeptide(L)'
_entity_poly.pdbx_seq_one_letter_code
;DRLGQPPSGYGVLLSVHEDKTVDVFTSGRKMRLTCSPNIDTDTLALGQTVRLNEALTIVEAGTYEQVGEISTLREVLDDG
LRALVVGHADEERIVWLAAPLAAVFADPEADIIAYDADSPTRKLRPGDSLLVDTKAGYAFERIPKAEVEDLVL
;
_entity_poly.pdbx_strand_id   A,B,C
#
# COMPACT_ATOMS: atom_id res chain seq x y z
N PRO A 7 4.93 19.10 11.74
CA PRO A 7 4.11 18.31 10.81
C PRO A 7 4.56 16.85 10.80
N SER A 8 3.60 15.93 10.68
CA SER A 8 3.93 14.49 10.64
C SER A 8 3.47 13.85 9.33
N GLY A 9 4.17 12.80 8.91
CA GLY A 9 3.72 11.95 7.80
C GLY A 9 3.25 10.61 8.36
N TYR A 10 2.95 9.69 7.46
CA TYR A 10 2.42 8.41 7.84
C TYR A 10 3.00 7.32 6.97
N GLY A 11 2.93 6.10 7.49
CA GLY A 11 3.27 4.92 6.68
C GLY A 11 2.54 3.69 7.21
N VAL A 12 2.70 2.58 6.51
CA VAL A 12 2.07 1.30 6.92
C VAL A 12 3.13 0.41 7.54
N LEU A 13 2.94 -0.04 8.78
CA LEU A 13 3.94 -0.92 9.39
C LEU A 13 3.97 -2.28 8.71
N LEU A 14 5.17 -2.73 8.34
CA LEU A 14 5.37 -4.02 7.69
C LEU A 14 5.99 -5.08 8.58
N SER A 15 6.96 -4.69 9.41
CA SER A 15 7.64 -5.69 10.27
C SER A 15 8.36 -4.99 11.40
N VAL A 16 8.65 -5.73 12.46
CA VAL A 16 9.42 -5.24 13.58
C VAL A 16 10.70 -6.08 13.61
N HIS A 17 11.84 -5.44 13.85
CA HIS A 17 13.11 -6.15 13.92
C HIS A 17 13.55 -6.38 15.35
N GLU A 18 14.52 -7.27 15.53
CA GLU A 18 15.00 -7.60 16.88
C GLU A 18 15.63 -6.42 17.64
N ASP A 19 16.15 -5.43 16.90
CA ASP A 19 16.81 -4.26 17.47
C ASP A 19 15.87 -3.05 17.65
N LYS A 20 14.56 -3.34 17.55
CA LYS A 20 13.48 -2.38 17.77
CA LYS A 20 13.50 -2.35 17.77
C LYS A 20 13.28 -1.38 16.62
N THR A 21 14.01 -1.57 15.53
CA THR A 21 13.69 -0.83 14.31
C THR A 21 12.51 -1.53 13.63
N VAL A 22 11.92 -0.85 12.66
CA VAL A 22 10.73 -1.38 11.99
C VAL A 22 10.83 -1.16 10.49
N ASP A 23 10.24 -2.04 9.68
CA ASP A 23 10.07 -1.74 8.26
C ASP A 23 8.71 -1.09 8.08
N VAL A 24 8.71 0.01 7.36
CA VAL A 24 7.49 0.78 7.09
C VAL A 24 7.40 1.15 5.61
N PHE A 25 6.19 1.05 5.05
CA PHE A 25 5.98 1.46 3.68
C PHE A 25 5.50 2.90 3.71
N THR A 26 6.34 3.80 3.20
CA THR A 26 6.03 5.23 3.29
C THR A 26 6.71 5.94 2.13
N SER A 27 6.11 7.05 1.67
CA SER A 27 6.61 7.72 0.46
C SER A 27 6.86 6.73 -0.69
N GLY A 28 5.96 5.74 -0.84
CA GLY A 28 6.01 4.81 -1.98
C GLY A 28 7.06 3.71 -1.95
N ARG A 29 7.74 3.53 -0.80
CA ARG A 29 8.75 2.47 -0.72
C ARG A 29 8.94 1.95 0.69
N LYS A 30 9.60 0.80 0.81
CA LYS A 30 9.89 0.24 2.14
C LYS A 30 11.13 0.93 2.75
N MET A 31 11.05 1.31 4.02
CA MET A 31 12.21 1.88 4.70
C MET A 31 12.37 1.23 6.06
N ARG A 32 13.61 1.08 6.53
CA ARG A 32 13.82 0.67 7.92
C ARG A 32 14.02 1.91 8.80
N LEU A 33 13.16 2.04 9.80
CA LEU A 33 13.09 3.28 10.62
C LEU A 33 13.17 2.95 12.10
N THR A 34 13.51 3.97 12.89
CA THR A 34 13.58 3.80 14.34
C THR A 34 12.31 4.34 14.98
N CYS A 35 12.10 3.98 16.24
CA CYS A 35 10.89 4.38 16.96
C CYS A 35 11.25 5.35 18.10
N SER A 36 10.30 6.19 18.47
CA SER A 36 10.52 7.05 19.64
C SER A 36 10.52 6.24 20.96
N PRO A 37 10.96 6.88 22.06
CA PRO A 37 10.98 6.20 23.38
C PRO A 37 9.62 5.72 23.85
N ASN A 38 8.55 6.33 23.31
CA ASN A 38 7.20 6.01 23.74
C ASN A 38 6.63 4.77 23.09
N ILE A 39 7.27 4.30 22.02
CA ILE A 39 6.74 3.17 21.29
C ILE A 39 7.22 1.87 21.93
N ASP A 40 6.29 1.07 22.39
CA ASP A 40 6.64 -0.27 22.88
C ASP A 40 6.41 -1.20 21.68
N THR A 41 7.49 -1.63 21.04
CA THR A 41 7.35 -2.32 19.77
C THR A 41 6.65 -3.67 20.01
N ASP A 42 6.64 -4.14 21.24
CA ASP A 42 5.99 -5.40 21.59
C ASP A 42 4.48 -5.35 21.34
N THR A 43 3.94 -4.14 21.34
CA THR A 43 2.50 -3.94 21.25
C THR A 43 2.06 -3.57 19.82
N LEU A 44 3.02 -3.44 18.91
CA LEU A 44 2.69 -3.04 17.53
C LEU A 44 1.93 -4.16 16.83
N ALA A 45 1.06 -3.78 15.87
CA ALA A 45 0.30 -4.74 15.05
C ALA A 45 0.67 -4.53 13.60
N LEU A 46 1.09 -5.61 12.93
CA LEU A 46 1.57 -5.47 11.57
C LEU A 46 0.41 -5.00 10.68
N GLY A 47 0.72 -4.05 9.80
CA GLY A 47 -0.31 -3.49 8.94
C GLY A 47 -0.90 -2.17 9.42
N GLN A 48 -0.74 -1.86 10.70
CA GLN A 48 -1.30 -0.62 11.23
C GLN A 48 -0.60 0.60 10.62
N THR A 49 -1.33 1.72 10.58
CA THR A 49 -0.71 2.97 10.20
C THR A 49 0.16 3.50 11.34
N VAL A 50 1.35 3.96 10.99
CA VAL A 50 2.25 4.61 11.95
C VAL A 50 2.49 6.05 11.54
N ARG A 51 2.60 6.92 12.55
CA ARG A 51 2.88 8.35 12.35
C ARG A 51 4.37 8.63 12.46
N LEU A 52 4.90 9.44 11.56
CA LEU A 52 6.36 9.65 11.46
C LEU A 52 6.64 11.16 11.65
N ASN A 53 7.65 11.50 12.44
CA ASN A 53 8.05 12.91 12.48
C ASN A 53 8.97 13.28 11.28
N GLU A 54 9.44 14.53 11.23
CA GLU A 54 10.25 14.99 10.10
C GLU A 54 11.48 14.12 9.86
N ALA A 55 12.03 13.59 10.95
CA ALA A 55 13.22 12.73 10.90
C ALA A 55 12.90 11.28 10.54
N LEU A 56 11.62 10.98 10.33
CA LEU A 56 11.13 9.62 9.98
C LEU A 56 11.20 8.64 11.14
N THR A 57 11.19 9.19 12.37
CA THR A 57 11.04 8.35 13.57
C THR A 57 9.56 8.03 13.77
N ILE A 58 9.24 6.78 14.08
CA ILE A 58 7.83 6.46 14.42
C ILE A 58 7.49 7.06 15.79
N VAL A 59 6.49 7.92 15.78
CA VAL A 59 6.09 8.61 17.02
C VAL A 59 4.73 8.16 17.60
N GLU A 60 3.95 7.41 16.80
CA GLU A 60 2.63 6.97 17.23
C GLU A 60 2.17 5.81 16.37
N ALA A 61 1.49 4.84 16.98
CA ALA A 61 1.00 3.68 16.25
C ALA A 61 -0.49 3.86 16.24
N GLY A 62 -1.09 3.78 15.07
CA GLY A 62 -2.51 4.02 14.92
C GLY A 62 -3.29 2.80 14.51
N THR A 63 -4.36 3.04 13.77
CA THR A 63 -5.30 2.02 13.33
C THR A 63 -4.96 1.57 11.92
N TYR A 64 -5.74 0.67 11.35
CA TYR A 64 -5.56 0.28 9.95
C TYR A 64 -6.20 1.32 9.04
N GLU A 65 -5.71 1.41 7.81
CA GLU A 65 -6.36 2.25 6.79
C GLU A 65 -7.84 1.94 6.70
N GLN A 66 -8.62 2.97 6.44
CA GLN A 66 -10.08 2.84 6.39
C GLN A 66 -10.71 3.22 5.03
N VAL A 67 -9.89 3.77 4.13
CA VAL A 67 -10.35 4.10 2.77
C VAL A 67 -9.33 3.60 1.80
N GLY A 68 -9.76 3.43 0.56
CA GLY A 68 -8.91 2.92 -0.50
C GLY A 68 -9.54 1.86 -1.38
N GLU A 69 -8.69 1.10 -2.05
CA GLU A 69 -9.08 0.14 -3.07
C GLU A 69 -9.84 -1.05 -2.48
N ILE A 70 -10.78 -1.60 -3.24
CA ILE A 70 -11.44 -2.83 -2.86
C ILE A 70 -11.00 -3.95 -3.81
N SER A 71 -10.73 -5.11 -3.23
CA SER A 71 -10.36 -6.31 -3.96
CA SER A 71 -10.38 -6.30 -3.99
C SER A 71 -11.18 -7.48 -3.44
N THR A 72 -11.27 -8.55 -4.24
CA THR A 72 -12.08 -9.71 -3.86
C THR A 72 -11.17 -10.87 -3.42
N LEU A 73 -11.50 -11.49 -2.29
CA LEU A 73 -10.73 -12.60 -1.77
C LEU A 73 -10.89 -13.86 -2.67
N ARG A 74 -9.78 -14.44 -3.07
CA ARG A 74 -9.83 -15.74 -3.77
C ARG A 74 -9.51 -16.91 -2.85
N GLU A 75 -8.43 -16.78 -2.07
CA GLU A 75 -8.02 -17.82 -1.12
C GLU A 75 -7.06 -17.26 -0.11
N VAL A 76 -7.21 -17.71 1.13
CA VAL A 76 -6.13 -17.56 2.12
C VAL A 76 -5.04 -18.61 1.86
N LEU A 77 -3.79 -18.17 1.83
CA LEU A 77 -2.71 -19.11 1.58
C LEU A 77 -2.48 -20.07 2.75
N ASP A 78 -1.77 -21.16 2.47
CA ASP A 78 -1.53 -22.22 3.44
C ASP A 78 -0.94 -21.68 4.73
N ASP A 79 -0.07 -20.68 4.63
CA ASP A 79 0.56 -20.13 5.83
C ASP A 79 -0.42 -19.48 6.83
N GLY A 80 -1.61 -19.11 6.35
CA GLY A 80 -2.56 -18.37 7.20
C GLY A 80 -2.17 -16.91 7.46
N LEU A 81 -1.17 -16.42 6.72
CA LEU A 81 -0.64 -15.08 6.86
C LEU A 81 -0.97 -14.16 5.69
N ARG A 82 -1.15 -14.77 4.51
CA ARG A 82 -1.29 -14.04 3.25
C ARG A 82 -2.54 -14.50 2.55
N ALA A 83 -3.00 -13.71 1.60
CA ALA A 83 -4.16 -14.09 0.79
C ALA A 83 -3.97 -13.68 -0.66
N LEU A 84 -4.61 -14.44 -1.54
CA LEU A 84 -4.69 -14.12 -2.96
C LEU A 84 -5.98 -13.36 -3.17
N VAL A 85 -5.85 -12.20 -3.78
CA VAL A 85 -6.94 -11.27 -3.91
C VAL A 85 -7.00 -10.87 -5.40
N VAL A 86 -8.19 -10.55 -5.89
CA VAL A 86 -8.31 -10.13 -7.29
C VAL A 86 -9.04 -8.80 -7.39
N GLY A 87 -8.39 -7.86 -8.08
CA GLY A 87 -8.91 -6.49 -8.27
C GLY A 87 -9.79 -6.30 -9.48
N HIS A 88 -10.04 -5.04 -9.81
CA HIS A 88 -11.08 -4.64 -10.77
C HIS A 88 -10.86 -5.08 -12.22
N ALA A 89 -9.62 -4.98 -12.71
CA ALA A 89 -9.28 -5.44 -14.06
C ALA A 89 -8.66 -6.83 -13.99
N ASP A 90 -9.13 -7.59 -12.99
CA ASP A 90 -8.71 -8.96 -12.73
C ASP A 90 -7.22 -9.10 -12.43
N GLU A 91 -6.66 -8.06 -11.83
CA GLU A 91 -5.29 -8.13 -11.35
C GLU A 91 -5.26 -8.95 -10.07
N GLU A 92 -4.60 -10.10 -10.15
CA GLU A 92 -4.39 -10.96 -8.99
C GLU A 92 -3.14 -10.51 -8.23
N ARG A 93 -3.23 -10.48 -6.91
CA ARG A 93 -2.09 -10.11 -6.06
C ARG A 93 -2.08 -10.96 -4.82
N ILE A 94 -0.92 -11.06 -4.17
CA ILE A 94 -0.84 -11.59 -2.82
C ILE A 94 -0.68 -10.40 -1.86
N VAL A 95 -1.45 -10.43 -0.78
CA VAL A 95 -1.36 -9.41 0.28
C VAL A 95 -1.26 -10.08 1.66
N TRP A 96 -0.68 -9.37 2.62
CA TRP A 96 -0.70 -9.82 4.03
C TRP A 96 -2.11 -9.58 4.60
N LEU A 97 -2.54 -10.44 5.52
CA LEU A 97 -3.80 -10.22 6.27
C LEU A 97 -3.53 -9.47 7.56
N ALA A 98 -4.21 -8.34 7.76
CA ALA A 98 -4.22 -7.69 9.08
C ALA A 98 -4.99 -8.52 10.13
N ALA A 99 -4.69 -8.29 11.41
CA ALA A 99 -5.37 -9.03 12.51
C ALA A 99 -6.91 -9.20 12.38
N PRO A 100 -7.66 -8.11 12.07
CA PRO A 100 -9.13 -8.30 12.03
C PRO A 100 -9.58 -9.37 11.02
N LEU A 101 -8.86 -9.50 9.90
CA LEU A 101 -9.18 -10.51 8.91
C LEU A 101 -8.75 -11.90 9.34
N ALA A 102 -7.55 -12.01 9.92
CA ALA A 102 -7.09 -13.28 10.48
C ALA A 102 -8.00 -13.73 11.64
N ALA A 103 -8.56 -12.78 12.40
CA ALA A 103 -9.41 -13.09 13.57
C ALA A 103 -10.68 -13.84 13.20
N VAL A 104 -11.23 -13.54 12.02
CA VAL A 104 -12.42 -14.23 11.54
C VAL A 104 -12.13 -15.36 10.57
N PHE A 105 -10.97 -15.30 9.89
CA PHE A 105 -10.64 -16.20 8.77
C PHE A 105 -11.90 -17.04 8.31
N ALA A 106 -12.97 -16.28 7.96
CA ALA A 106 -14.21 -16.78 7.35
C ALA A 106 -15.00 -15.72 6.55
N ASP A 107 -14.44 -15.08 5.49
CA ASP A 107 -13.37 -15.57 4.65
C ASP A 107 -13.62 -17.05 4.43
N PRO A 108 -14.45 -17.43 3.44
CA PRO A 108 -14.96 -17.18 2.08
C PRO A 108 -14.31 -16.12 1.17
N GLU A 109 -13.83 -16.49 -0.02
CA GLU A 109 -13.91 -17.80 -0.64
C GLU A 109 -13.00 -18.80 0.03
N GLY A 127 -14.55 -14.61 -2.05
CA GLY A 127 -15.70 -13.80 -2.61
C GLY A 127 -15.97 -12.58 -1.73
N ASP A 128 -15.44 -12.61 -0.51
CA ASP A 128 -15.52 -11.48 0.42
C ASP A 128 -14.83 -10.26 -0.23
N SER A 129 -15.42 -9.07 -0.04
CA SER A 129 -14.79 -7.83 -0.50
C SER A 129 -13.86 -7.31 0.59
N LEU A 130 -12.62 -7.02 0.23
CA LEU A 130 -11.65 -6.55 1.19
C LEU A 130 -11.10 -5.18 0.82
N LEU A 131 -11.01 -4.30 1.81
CA LEU A 131 -10.28 -3.05 1.71
C LEU A 131 -8.78 -3.41 1.71
N VAL A 132 -8.08 -2.97 0.67
CA VAL A 132 -6.66 -3.30 0.48
C VAL A 132 -5.84 -2.05 0.17
N ASP A 133 -4.54 -2.15 0.46
CA ASP A 133 -3.56 -1.19 0.00
C ASP A 133 -2.58 -2.04 -0.79
N THR A 134 -2.69 -2.00 -2.11
CA THR A 134 -1.88 -2.88 -2.95
C THR A 134 -0.41 -2.44 -3.03
N LYS A 135 -0.11 -1.17 -2.76
CA LYS A 135 1.28 -0.73 -2.75
C LYS A 135 2.03 -1.28 -1.52
N ALA A 136 1.37 -1.16 -0.36
CA ALA A 136 1.92 -1.65 0.91
C ALA A 136 1.80 -3.17 0.98
N GLY A 137 0.87 -3.74 0.21
CA GLY A 137 0.67 -5.21 0.18
C GLY A 137 -0.18 -5.74 1.34
N TYR A 138 -1.22 -5.01 1.74
CA TYR A 138 -2.05 -5.38 2.91
C TYR A 138 -3.54 -5.40 2.59
N ALA A 139 -4.25 -6.33 3.26
CA ALA A 139 -5.71 -6.30 3.33
C ALA A 139 -6.09 -6.01 4.77
N PHE A 140 -7.06 -5.12 4.97
CA PHE A 140 -7.35 -4.59 6.31
C PHE A 140 -8.70 -4.92 6.91
N GLU A 141 -9.72 -4.96 6.05
CA GLU A 141 -11.12 -4.93 6.51
C GLU A 141 -12.01 -5.63 5.48
N ARG A 142 -13.03 -6.33 5.97
CA ARG A 142 -14.04 -6.88 5.09
C ARG A 142 -15.24 -5.92 4.99
N ILE A 143 -15.72 -5.70 3.77
CA ILE A 143 -16.74 -4.73 3.44
C ILE A 143 -17.96 -5.55 3.02
N PRO A 144 -19.09 -5.37 3.73
CA PRO A 144 -20.31 -6.04 3.30
C PRO A 144 -20.65 -5.68 1.87
N LYS A 145 -21.31 -6.59 1.16
CA LYS A 145 -21.64 -6.37 -0.25
C LYS A 145 -22.91 -5.56 -0.58
N ALA A 146 -24.03 -5.65 0.13
CA ALA A 146 -24.42 -6.42 1.35
C ALA A 146 -24.60 -5.57 2.63
N GLU A 147 -25.31 -6.13 3.60
CA GLU A 147 -25.73 -5.42 4.83
C GLU A 147 -26.36 -4.04 4.62
N PRO B 7 17.88 6.11 8.53
CA PRO B 7 16.97 5.16 7.87
C PRO B 7 17.69 4.34 6.81
N SER B 8 17.17 3.15 6.54
CA SER B 8 17.69 2.33 5.42
C SER B 8 16.60 2.24 4.35
N GLY B 9 17.03 2.06 3.11
CA GLY B 9 16.14 1.70 2.00
C GLY B 9 16.40 0.27 1.57
N TYR B 10 15.73 -0.13 0.50
CA TYR B 10 15.81 -1.50 0.03
C TYR B 10 15.84 -1.54 -1.48
N GLY B 11 16.30 -2.67 -1.99
CA GLY B 11 16.29 -2.91 -3.43
C GLY B 11 16.27 -4.39 -3.72
N VAL B 12 16.18 -4.72 -5.00
CA VAL B 12 16.17 -6.12 -5.42
C VAL B 12 17.54 -6.42 -6.08
N LEU B 13 18.22 -7.45 -5.57
CA LEU B 13 19.52 -7.84 -6.13
C LEU B 13 19.36 -8.42 -7.53
N LEU B 14 20.12 -7.87 -8.48
CA LEU B 14 20.07 -8.36 -9.87
C LEU B 14 21.27 -9.19 -10.32
N SER B 15 22.48 -8.83 -9.89
CA SER B 15 23.68 -9.61 -10.30
C SER B 15 24.82 -9.28 -9.35
N VAL B 16 25.78 -10.19 -9.28
CA VAL B 16 26.99 -10.04 -8.48
C VAL B 16 28.16 -10.08 -9.44
N HIS B 17 29.01 -9.07 -9.32
CA HIS B 17 30.18 -8.96 -10.24
C HIS B 17 31.43 -9.59 -9.65
N GLU B 18 32.41 -9.89 -10.52
CA GLU B 18 33.69 -10.46 -10.11
C GLU B 18 34.40 -9.60 -9.05
N ASP B 19 34.23 -8.28 -9.13
CA ASP B 19 34.86 -7.34 -8.20
C ASP B 19 34.07 -7.09 -6.91
N LYS B 20 33.01 -7.89 -6.72
CA LYS B 20 32.19 -7.93 -5.49
C LYS B 20 31.20 -6.78 -5.39
N THR B 21 31.17 -5.93 -6.40
CA THR B 21 30.06 -4.97 -6.51
C THR B 21 28.83 -5.73 -7.00
N VAL B 22 27.66 -5.10 -6.90
CA VAL B 22 26.42 -5.76 -7.25
C VAL B 22 25.50 -4.81 -8.04
N ASP B 23 24.73 -5.37 -8.98
CA ASP B 23 23.66 -4.55 -9.59
C ASP B 23 22.40 -4.74 -8.74
N VAL B 24 21.73 -3.63 -8.46
CA VAL B 24 20.51 -3.64 -7.61
C VAL B 24 19.49 -2.75 -8.25
N PHE B 25 18.23 -3.18 -8.22
CA PHE B 25 17.12 -2.31 -8.67
C PHE B 25 16.51 -1.65 -7.45
N THR B 26 16.64 -0.33 -7.39
CA THR B 26 16.24 0.41 -6.18
C THR B 26 15.83 1.83 -6.61
N SER B 27 14.84 2.36 -5.91
CA SER B 27 14.30 3.69 -6.25
C SER B 27 14.01 3.77 -7.77
N GLY B 28 13.47 2.67 -8.30
CA GLY B 28 13.01 2.62 -9.69
C GLY B 28 14.05 2.55 -10.78
N ARG B 29 15.30 2.28 -10.42
CA ARG B 29 16.36 2.17 -11.44
C ARG B 29 17.43 1.17 -11.05
N LYS B 30 18.16 0.71 -12.05
CA LYS B 30 19.30 -0.16 -11.83
C LYS B 30 20.55 0.66 -11.42
N MET B 31 21.26 0.20 -10.39
CA MET B 31 22.51 0.83 -9.97
C MET B 31 23.55 -0.22 -9.64
N ARG B 32 24.82 0.15 -9.78
CA ARG B 32 25.91 -0.74 -9.34
C ARG B 32 26.46 -0.22 -8.03
N LEU B 33 26.38 -1.10 -7.00
CA LEU B 33 26.61 -0.69 -5.62
C LEU B 33 27.65 -1.57 -4.98
N THR B 34 28.23 -1.08 -3.90
CA THR B 34 29.18 -1.91 -3.13
CA THR B 34 29.22 -1.79 -3.10
C THR B 34 28.52 -2.47 -1.90
N CYS B 35 29.10 -3.55 -1.38
CA CYS B 35 28.59 -4.19 -0.17
C CYS B 35 29.52 -3.93 1.01
N SER B 36 28.94 -3.93 2.20
CA SER B 36 29.75 -3.87 3.40
C SER B 36 30.73 -5.04 3.41
N PRO B 37 31.95 -4.83 3.96
CA PRO B 37 32.92 -5.92 4.04
C PRO B 37 32.46 -7.16 4.79
N ASN B 38 31.48 -7.02 5.68
CA ASN B 38 30.97 -8.14 6.47
CA ASN B 38 30.99 -8.16 6.46
C ASN B 38 30.05 -9.06 5.67
N ILE B 39 29.59 -8.59 4.50
CA ILE B 39 28.70 -9.36 3.64
C ILE B 39 29.51 -10.32 2.75
N ASP B 40 29.12 -11.60 2.76
CA ASP B 40 29.78 -12.59 1.90
C ASP B 40 29.06 -12.61 0.55
N THR B 41 29.62 -11.92 -0.46
CA THR B 41 28.90 -11.80 -1.72
C THR B 41 28.73 -13.13 -2.45
N ASP B 42 29.60 -14.10 -2.13
CA ASP B 42 29.54 -15.44 -2.75
C ASP B 42 28.22 -16.17 -2.41
N THR B 43 27.56 -15.77 -1.32
CA THR B 43 26.31 -16.42 -0.90
C THR B 43 25.03 -15.63 -1.16
N LEU B 44 25.16 -14.48 -1.81
CA LEU B 44 23.98 -13.72 -2.24
C LEU B 44 23.13 -14.54 -3.20
N ALA B 45 21.82 -14.32 -3.19
CA ALA B 45 20.89 -15.04 -4.06
C ALA B 45 20.22 -13.99 -4.94
N LEU B 46 20.33 -14.16 -6.25
CA LEU B 46 19.77 -13.18 -7.16
C LEU B 46 18.26 -13.08 -6.95
N GLY B 47 17.78 -11.85 -6.97
CA GLY B 47 16.36 -11.59 -6.80
C GLY B 47 15.98 -11.29 -5.35
N GLN B 48 16.89 -11.59 -4.40
CA GLN B 48 16.53 -11.28 -3.01
C GLN B 48 16.53 -9.80 -2.74
N THR B 49 15.75 -9.41 -1.75
CA THR B 49 15.73 -8.01 -1.33
C THR B 49 16.97 -7.74 -0.48
N VAL B 50 17.64 -6.62 -0.75
CA VAL B 50 18.83 -6.21 0.01
C VAL B 50 18.56 -4.86 0.66
N ARG B 51 19.19 -4.62 1.81
CA ARG B 51 19.03 -3.37 2.56
C ARG B 51 20.21 -2.43 2.29
N LEU B 52 19.91 -1.16 2.07
CA LEU B 52 20.90 -0.15 1.70
C LEU B 52 20.96 0.91 2.78
N ASN B 53 22.16 1.33 3.15
CA ASN B 53 22.28 2.52 4.00
C ASN B 53 22.13 3.79 3.17
N GLU B 54 22.27 4.95 3.84
CA GLU B 54 21.99 6.23 3.16
C GLU B 54 22.99 6.44 2.01
N ALA B 55 24.19 5.89 2.15
CA ALA B 55 25.24 5.97 1.13
C ALA B 55 25.05 4.95 -0.01
N LEU B 56 24.00 4.14 0.10
CA LEU B 56 23.65 3.10 -0.88
C LEU B 56 24.61 1.90 -0.86
N THR B 57 25.30 1.72 0.26
CA THR B 57 26.03 0.47 0.46
C THR B 57 25.05 -0.64 0.86
N ILE B 58 25.23 -1.86 0.31
CA ILE B 58 24.44 -3.01 0.78
C ILE B 58 24.96 -3.44 2.14
N VAL B 59 24.06 -3.38 3.14
CA VAL B 59 24.45 -3.69 4.53
C VAL B 59 23.80 -4.96 5.07
N GLU B 60 22.84 -5.52 4.33
CA GLU B 60 22.13 -6.73 4.79
C GLU B 60 21.43 -7.39 3.61
N ALA B 61 21.42 -8.71 3.59
CA ALA B 61 20.64 -9.45 2.64
C ALA B 61 19.37 -9.99 3.33
N GLY B 62 18.25 -9.85 2.64
CA GLY B 62 16.99 -10.36 3.14
C GLY B 62 16.55 -11.55 2.31
N THR B 63 15.25 -11.79 2.26
CA THR B 63 14.75 -12.90 1.48
C THR B 63 13.97 -12.31 0.28
N TYR B 64 13.24 -13.15 -0.42
CA TYR B 64 12.50 -12.70 -1.58
C TYR B 64 11.24 -12.03 -1.13
N GLU B 65 10.72 -11.14 -1.98
CA GLU B 65 9.40 -10.53 -1.75
C GLU B 65 8.37 -11.64 -1.50
N GLN B 66 7.45 -11.37 -0.56
CA GLN B 66 6.40 -12.34 -0.21
C GLN B 66 4.99 -11.90 -0.57
N VAL B 67 4.85 -10.65 -1.01
CA VAL B 67 3.55 -10.11 -1.44
C VAL B 67 3.79 -9.31 -2.71
N GLY B 68 2.71 -9.09 -3.47
CA GLY B 68 2.80 -8.33 -4.71
C GLY B 68 2.00 -8.98 -5.84
N GLU B 69 2.40 -8.65 -7.08
CA GLU B 69 1.67 -9.05 -8.28
C GLU B 69 1.77 -10.55 -8.54
N ILE B 70 0.67 -11.11 -9.05
CA ILE B 70 0.67 -12.46 -9.56
C ILE B 70 0.55 -12.44 -11.08
N SER B 71 1.35 -13.28 -11.72
CA SER B 71 1.28 -13.48 -13.16
CA SER B 71 1.25 -13.49 -13.15
C SER B 71 1.28 -14.98 -13.44
N THR B 72 0.75 -15.35 -14.60
CA THR B 72 0.66 -16.76 -14.98
C THR B 72 1.80 -17.16 -15.90
N LEU B 73 2.48 -18.25 -15.55
CA LEU B 73 3.54 -18.77 -16.38
C LEU B 73 3.04 -19.23 -17.76
N ARG B 74 3.71 -18.77 -18.81
CA ARG B 74 3.46 -19.28 -20.18
C ARG B 74 4.50 -20.31 -20.60
N GLU B 75 5.77 -19.97 -20.43
CA GLU B 75 6.89 -20.83 -20.79
C GLU B 75 8.17 -20.35 -20.17
N VAL B 76 8.98 -21.28 -19.71
CA VAL B 76 10.36 -20.98 -19.38
C VAL B 76 11.14 -20.90 -20.70
N LEU B 77 11.94 -19.84 -20.83
CA LEU B 77 12.74 -19.61 -22.02
C LEU B 77 13.85 -20.65 -22.16
N ASP B 78 14.39 -20.71 -23.36
CA ASP B 78 15.39 -21.72 -23.72
C ASP B 78 16.61 -21.71 -22.78
N ASP B 79 16.99 -20.52 -22.32
CA ASP B 79 18.15 -20.38 -21.42
C ASP B 79 17.96 -20.99 -20.02
N GLY B 80 16.63 -21.13 -19.61
CA GLY B 80 16.39 -21.80 -18.30
C GLY B 80 16.49 -20.82 -17.16
N LEU B 81 16.70 -19.55 -17.50
CA LEU B 81 16.96 -18.50 -16.52
C LEU B 81 15.80 -17.55 -16.44
N ARG B 82 15.01 -17.48 -17.50
CA ARG B 82 13.95 -16.45 -17.60
C ARG B 82 12.66 -17.14 -17.97
N ALA B 83 11.53 -16.49 -17.68
CA ALA B 83 10.24 -17.02 -18.07
C ALA B 83 9.37 -15.95 -18.74
N LEU B 84 8.52 -16.41 -19.66
CA LEU B 84 7.48 -15.57 -20.23
C LEU B 84 6.25 -15.74 -19.35
N VAL B 85 5.78 -14.63 -18.78
CA VAL B 85 4.59 -14.66 -17.94
C VAL B 85 3.51 -13.74 -18.49
N VAL B 86 2.26 -14.04 -18.14
CA VAL B 86 1.14 -13.23 -18.60
C VAL B 86 0.34 -12.71 -17.41
N GLY B 87 0.19 -11.39 -17.37
CA GLY B 87 -0.47 -10.72 -16.25
C GLY B 87 -1.93 -10.44 -16.53
N HIS B 88 -2.51 -9.60 -15.68
CA HIS B 88 -3.96 -9.39 -15.67
C HIS B 88 -4.58 -8.93 -17.00
N ALA B 89 -4.24 -7.71 -17.43
CA ALA B 89 -4.80 -7.16 -18.68
C ALA B 89 -4.09 -7.76 -19.92
N ASP B 90 -3.72 -9.03 -19.83
CA ASP B 90 -3.08 -9.76 -20.93
C ASP B 90 -1.65 -9.29 -21.15
N GLU B 91 -1.06 -8.68 -20.12
CA GLU B 91 0.31 -8.15 -20.17
C GLU B 91 1.33 -9.30 -20.19
N GLU B 92 1.94 -9.56 -21.35
CA GLU B 92 3.07 -10.52 -21.43
C GLU B 92 4.39 -9.84 -21.08
N ARG B 93 5.21 -10.52 -20.30
CA ARG B 93 6.51 -9.97 -19.89
C ARG B 93 7.52 -11.09 -19.75
N ILE B 94 8.79 -10.75 -19.86
CA ILE B 94 9.88 -11.69 -19.47
C ILE B 94 10.36 -11.30 -18.07
N VAL B 95 10.59 -12.31 -17.23
CA VAL B 95 11.13 -12.08 -15.88
C VAL B 95 12.25 -13.10 -15.62
N TRP B 96 13.19 -12.76 -14.74
CA TRP B 96 14.14 -13.74 -14.20
C TRP B 96 13.48 -14.69 -13.22
N LEU B 97 13.90 -15.95 -13.21
CA LEU B 97 13.49 -16.90 -12.20
C LEU B 97 14.44 -16.80 -11.02
N ALA B 98 13.88 -16.57 -9.82
CA ALA B 98 14.69 -16.76 -8.62
C ALA B 98 15.07 -18.23 -8.47
N ALA B 99 16.09 -18.49 -7.68
CA ALA B 99 16.59 -19.86 -7.42
C ALA B 99 15.54 -20.93 -7.08
N PRO B 100 14.56 -20.62 -6.17
CA PRO B 100 13.63 -21.71 -5.81
C PRO B 100 12.74 -22.16 -6.98
N LEU B 101 12.72 -21.37 -8.04
CA LEU B 101 11.89 -21.64 -9.21
C LEU B 101 12.69 -22.27 -10.35
N ALA B 102 13.97 -21.91 -10.44
CA ALA B 102 14.84 -22.33 -11.54
C ALA B 102 15.15 -23.83 -11.50
N ALA B 103 15.10 -24.39 -10.28
CA ALA B 103 15.19 -25.83 -10.06
C ALA B 103 13.79 -26.46 -10.22
N VAL B 104 13.67 -27.49 -11.07
CA VAL B 104 14.79 -28.09 -11.83
C VAL B 104 15.31 -27.22 -12.98
N THR B 121 11.02 -33.33 -6.58
CA THR B 121 11.86 -32.32 -7.22
C THR B 121 11.04 -31.18 -7.83
N ARG B 122 9.91 -31.53 -8.47
CA ARG B 122 8.98 -30.58 -9.09
C ARG B 122 9.55 -29.74 -10.24
N LYS B 123 8.69 -29.45 -11.21
CA LYS B 123 9.01 -28.55 -12.30
C LYS B 123 7.86 -27.57 -12.49
N LEU B 124 8.20 -26.39 -13.01
CA LEU B 124 7.22 -25.39 -13.40
C LEU B 124 6.48 -25.81 -14.66
N ARG B 125 5.16 -25.65 -14.62
CA ARG B 125 4.29 -25.98 -15.75
C ARG B 125 3.56 -24.70 -16.15
N PRO B 126 3.38 -24.45 -17.46
CA PRO B 126 2.70 -23.23 -17.91
C PRO B 126 1.78 -22.52 -16.89
N GLY B 127 0.46 -22.65 -17.00
CA GLY B 127 -0.50 -21.99 -16.10
C GLY B 127 -0.26 -21.86 -14.59
N ASP B 128 0.96 -22.16 -14.13
CA ASP B 128 1.33 -21.94 -12.73
C ASP B 128 1.26 -20.45 -12.42
N SER B 129 0.75 -20.12 -11.22
CA SER B 129 0.70 -18.74 -10.75
C SER B 129 2.01 -18.40 -10.05
N LEU B 130 2.61 -17.30 -10.45
CA LEU B 130 3.89 -16.89 -9.89
C LEU B 130 3.80 -15.50 -9.28
N LEU B 131 4.36 -15.36 -8.09
CA LEU B 131 4.53 -14.05 -7.48
C LEU B 131 5.68 -13.33 -8.18
N VAL B 132 5.42 -12.13 -8.70
CA VAL B 132 6.42 -11.40 -9.51
C VAL B 132 6.60 -9.97 -9.05
N ASP B 133 7.77 -9.41 -9.38
CA ASP B 133 7.97 -7.96 -9.29
C ASP B 133 8.32 -7.54 -10.73
N THR B 134 7.37 -6.93 -11.42
CA THR B 134 7.55 -6.65 -12.85
C THR B 134 8.37 -5.37 -13.08
N LYS B 135 8.67 -4.62 -12.02
CA LYS B 135 9.56 -3.46 -12.16
C LYS B 135 11.00 -3.94 -12.15
N ALA B 136 11.38 -4.72 -11.14
CA ALA B 136 12.71 -5.34 -11.10
C ALA B 136 12.85 -6.48 -12.13
N GLY B 137 11.74 -7.10 -12.50
CA GLY B 137 11.77 -8.15 -13.54
C GLY B 137 12.10 -9.54 -12.97
N TYR B 138 11.47 -9.88 -11.85
CA TYR B 138 11.73 -11.16 -11.15
C TYR B 138 10.47 -11.93 -10.81
N ALA B 139 10.58 -13.26 -10.84
CA ALA B 139 9.54 -14.16 -10.29
C ALA B 139 10.14 -14.85 -9.07
N PHE B 140 9.38 -14.92 -7.97
CA PHE B 140 9.94 -15.37 -6.68
C PHE B 140 9.41 -16.69 -6.17
N GLU B 141 8.12 -16.93 -6.37
CA GLU B 141 7.43 -17.99 -5.64
C GLU B 141 6.27 -18.50 -6.48
N ARG B 142 6.01 -19.81 -6.46
CA ARG B 142 4.79 -20.34 -7.07
C ARG B 142 3.71 -20.46 -6.01
N ILE B 143 2.50 -20.00 -6.35
CA ILE B 143 1.38 -20.00 -5.42
C ILE B 143 0.39 -21.09 -5.86
N PRO B 144 0.20 -22.12 -5.01
CA PRO B 144 -0.49 -23.34 -5.43
C PRO B 144 -2.01 -23.23 -5.60
N LYS B 145 -2.58 -24.34 -6.12
CA LYS B 145 -3.96 -24.82 -5.85
C LYS B 145 -5.18 -24.02 -6.29
N ALA B 146 -5.95 -24.61 -7.20
CA ALA B 146 -7.36 -24.27 -7.36
C ALA B 146 -8.11 -25.09 -6.30
N GLU B 147 -7.96 -26.42 -6.37
CA GLU B 147 -8.59 -27.37 -5.45
C GLU B 147 -7.74 -28.63 -5.28
N PRO C 7 3.98 32.11 -1.00
CA PRO C 7 2.90 31.27 -1.53
C PRO C 7 2.26 30.40 -0.45
N SER C 8 0.99 30.03 -0.67
CA SER C 8 0.32 29.07 0.21
C SER C 8 0.04 27.79 -0.57
N GLY C 9 0.14 26.66 0.11
CA GLY C 9 -0.42 25.42 -0.44
C GLY C 9 -1.84 25.16 0.05
N TYR C 10 -2.40 24.06 -0.42
CA TYR C 10 -3.73 23.62 -0.01
C TYR C 10 -3.76 22.13 0.27
N GLY C 11 -4.81 21.70 0.99
CA GLY C 11 -5.01 20.28 1.21
C GLY C 11 -6.48 20.00 1.45
N VAL C 12 -6.83 18.72 1.45
CA VAL C 12 -8.19 18.28 1.82
C VAL C 12 -8.18 17.85 3.28
N LEU C 13 -9.09 18.42 4.07
CA LEU C 13 -9.21 18.04 5.49
CA LEU C 13 -9.23 18.05 5.48
C LEU C 13 -9.78 16.63 5.60
N LEU C 14 -9.00 15.71 6.19
CA LEU C 14 -9.44 14.31 6.34
C LEU C 14 -10.12 13.99 7.70
N SER C 15 -9.52 14.48 8.78
CA SER C 15 -10.06 14.23 10.12
C SER C 15 -9.53 15.27 11.09
N VAL C 16 -10.27 15.46 12.19
CA VAL C 16 -9.84 16.39 13.25
C VAL C 16 -9.62 15.56 14.50
N HIS C 17 -8.45 15.71 15.09
CA HIS C 17 -8.10 14.87 16.24
C HIS C 17 -8.50 15.52 17.55
N GLU C 18 -8.57 14.72 18.61
CA GLU C 18 -8.93 15.23 19.94
C GLU C 18 -7.91 16.26 20.49
N ASP C 19 -6.66 16.19 20.03
CA ASP C 19 -5.64 17.16 20.43
C ASP C 19 -5.62 18.42 19.57
N LYS C 20 -6.64 18.55 18.70
CA LYS C 20 -6.80 19.70 17.78
C LYS C 20 -5.94 19.71 16.51
N THR C 21 -5.02 18.77 16.36
CA THR C 21 -4.32 18.61 15.09
C THR C 21 -5.31 18.03 14.08
N VAL C 22 -4.92 18.02 12.80
CA VAL C 22 -5.83 17.61 11.74
C VAL C 22 -5.05 16.75 10.74
N ASP C 23 -5.67 15.69 10.23
CA ASP C 23 -5.07 15.00 9.09
C ASP C 23 -5.51 15.71 7.82
N VAL C 24 -4.55 15.92 6.93
CA VAL C 24 -4.78 16.66 5.67
C VAL C 24 -4.09 15.92 4.53
N PHE C 25 -4.76 15.79 3.39
CA PHE C 25 -4.11 15.26 2.20
C PHE C 25 -3.63 16.44 1.36
N THR C 26 -2.33 16.56 1.25
CA THR C 26 -1.71 17.72 0.62
C THR C 26 -0.43 17.29 -0.08
N SER C 27 -0.17 17.91 -1.24
CA SER C 27 0.98 17.54 -2.09
C SER C 27 1.10 16.00 -2.19
N GLY C 28 -0.05 15.34 -2.41
CA GLY C 28 -0.08 13.91 -2.71
C GLY C 28 0.16 12.94 -1.56
N ARG C 29 0.09 13.43 -0.33
CA ARG C 29 0.18 12.50 0.78
C ARG C 29 -0.55 12.99 2.02
N LYS C 30 -0.81 12.03 2.90
CA LYS C 30 -1.50 12.30 4.18
C LYS C 30 -0.49 12.84 5.20
N MET C 31 -0.84 13.96 5.82
CA MET C 31 -0.03 14.58 6.87
C MET C 31 -0.84 14.91 8.08
N ARG C 32 -0.18 14.97 9.24
CA ARG C 32 -0.83 15.51 10.45
C ARG C 32 -0.30 16.89 10.72
N LEU C 33 -1.19 17.88 10.65
CA LEU C 33 -0.78 19.29 10.75
C LEU C 33 -1.45 20.03 11.92
N THR C 34 -0.86 21.17 12.28
CA THR C 34 -1.39 22.04 13.34
C THR C 34 -2.16 23.24 12.74
N CYS C 35 -3.24 23.67 13.41
CA CYS C 35 -3.98 24.84 12.95
C CYS C 35 -3.52 26.12 13.64
N SER C 36 -3.57 27.22 12.89
CA SER C 36 -3.37 28.55 13.47
C SER C 36 -4.37 28.72 14.62
N PRO C 37 -3.97 29.45 15.69
CA PRO C 37 -4.88 29.66 16.83
C PRO C 37 -6.23 30.30 16.46
N ASN C 38 -6.21 31.08 15.37
CA ASN C 38 -7.33 31.70 14.71
C ASN C 38 -8.46 30.72 14.33
N ILE C 39 -8.07 29.50 13.99
CA ILE C 39 -8.99 28.49 13.50
C ILE C 39 -9.69 27.82 14.67
N ASP C 40 -11.01 27.79 14.60
CA ASP C 40 -11.83 27.10 15.59
C ASP C 40 -11.98 25.66 15.11
N THR C 41 -11.22 24.74 15.71
CA THR C 41 -11.19 23.40 15.14
C THR C 41 -12.55 22.71 15.26
N ASP C 42 -13.37 23.14 16.22
CA ASP C 42 -14.70 22.57 16.36
C ASP C 42 -15.64 22.95 15.22
N THR C 43 -15.28 23.95 14.41
CA THR C 43 -16.12 24.40 13.29
C THR C 43 -15.62 23.83 11.95
N LEU C 44 -14.53 23.10 12.01
CA LEU C 44 -13.98 22.50 10.80
C LEU C 44 -14.94 21.41 10.28
N ALA C 45 -14.97 21.23 8.96
CA ALA C 45 -15.93 20.35 8.33
C ALA C 45 -15.17 19.33 7.49
N LEU C 46 -15.46 18.05 7.71
CA LEU C 46 -14.69 17.00 7.04
C LEU C 46 -14.78 17.12 5.51
N GLY C 47 -13.61 17.05 4.85
CA GLY C 47 -13.56 17.11 3.41
C GLY C 47 -13.33 18.50 2.87
N GLN C 48 -13.41 19.54 3.71
CA GLN C 48 -13.20 20.89 3.17
C GLN C 48 -11.74 21.15 2.82
N THR C 49 -11.53 22.08 1.91
CA THR C 49 -10.19 22.45 1.53
C THR C 49 -9.63 23.38 2.59
N VAL C 50 -8.39 23.11 3.01
CA VAL C 50 -7.71 24.01 3.93
C VAL C 50 -6.48 24.64 3.25
N ARG C 51 -6.16 25.88 3.64
CA ARG C 51 -4.98 26.57 3.12
C ARG C 51 -3.83 26.45 4.12
N LEU C 52 -2.62 26.24 3.61
CA LEU C 52 -1.43 26.01 4.45
C LEU C 52 -0.41 27.10 4.19
N ASN C 53 0.25 27.59 5.26
CA ASN C 53 1.44 28.41 5.02
C ASN C 53 2.67 27.55 4.68
N GLU C 54 3.81 28.20 4.46
CA GLU C 54 4.98 27.46 4.02
C GLU C 54 5.45 26.45 5.06
N ALA C 55 5.19 26.74 6.35
CA ALA C 55 5.52 25.85 7.48
C ALA C 55 4.49 24.70 7.65
N LEU C 56 3.47 24.70 6.78
CA LEU C 56 2.38 23.70 6.78
C LEU C 56 1.38 23.82 7.92
N THR C 57 1.32 25.02 8.53
CA THR C 57 0.25 25.33 9.46
C THR C 57 -1.03 25.63 8.68
N ILE C 58 -2.15 25.13 9.16
CA ILE C 58 -3.43 25.45 8.54
C ILE C 58 -3.80 26.88 8.94
N VAL C 59 -3.97 27.74 7.92
CA VAL C 59 -4.23 29.17 8.17
C VAL C 59 -5.63 29.64 7.80
N GLU C 60 -6.36 28.81 7.05
CA GLU C 60 -7.69 29.13 6.61
C GLU C 60 -8.42 27.87 6.21
N ALA C 61 -9.72 27.84 6.48
CA ALA C 61 -10.53 26.73 6.02
C ALA C 61 -11.53 27.25 5.01
N GLY C 62 -11.68 26.52 3.92
CA GLY C 62 -12.42 26.96 2.74
C GLY C 62 -13.56 26.05 2.33
N THR C 63 -13.86 26.06 1.04
CA THR C 63 -15.00 25.36 0.45
C THR C 63 -14.56 23.94 0.13
N TYR C 64 -15.43 23.17 -0.51
CA TYR C 64 -15.10 21.80 -0.95
C TYR C 64 -14.67 21.82 -2.41
N GLU C 65 -13.89 20.79 -2.79
CA GLU C 65 -13.51 20.56 -4.20
C GLU C 65 -14.79 20.59 -5.04
N GLN C 66 -14.73 21.24 -6.20
CA GLN C 66 -15.91 21.36 -7.04
C GLN C 66 -15.79 20.74 -8.42
N VAL C 67 -14.58 20.33 -8.76
CA VAL C 67 -14.31 19.69 -10.06
C VAL C 67 -13.51 18.41 -9.84
N GLY C 68 -13.57 17.51 -10.81
CA GLY C 68 -12.82 16.26 -10.71
C GLY C 68 -13.67 15.05 -11.11
N GLU C 69 -13.22 13.88 -10.66
CA GLU C 69 -13.77 12.58 -11.06
C GLU C 69 -15.19 12.37 -10.51
N ILE C 70 -16.03 11.78 -11.36
CA ILE C 70 -17.35 11.30 -10.96
C ILE C 70 -17.35 9.78 -10.83
N SER C 71 -17.91 9.31 -9.73
CA SER C 71 -18.02 7.88 -9.44
CA SER C 71 -18.05 7.87 -9.51
C SER C 71 -19.45 7.58 -9.02
N THR C 72 -19.83 6.31 -9.05
CA THR C 72 -21.20 5.94 -8.76
C THR C 72 -21.30 5.31 -7.39
N LEU C 73 -22.24 5.80 -6.57
CA LEU C 73 -22.46 5.24 -5.24
C LEU C 73 -23.01 3.81 -5.34
N ARG C 74 -22.37 2.90 -4.61
CA ARG C 74 -22.91 1.54 -4.50
C ARG C 74 -23.63 1.33 -3.17
N GLU C 75 -23.01 1.77 -2.07
CA GLU C 75 -23.62 1.69 -0.75
C GLU C 75 -22.91 2.61 0.24
N VAL C 76 -23.71 3.14 1.18
CA VAL C 76 -23.18 3.85 2.33
C VAL C 76 -22.88 2.78 3.40
N LEU C 77 -21.65 2.77 3.91
CA LEU C 77 -21.26 1.76 4.87
C LEU C 77 -22.00 1.93 6.20
N ASP C 78 -22.04 0.85 6.95
CA ASP C 78 -22.77 0.77 8.21
C ASP C 78 -22.40 1.88 9.22
N ASP C 79 -21.17 2.39 9.14
CA ASP C 79 -20.74 3.48 10.03
C ASP C 79 -21.28 4.88 9.68
N GLY C 80 -21.95 5.00 8.53
CA GLY C 80 -22.46 6.29 8.05
C GLY C 80 -21.40 7.36 7.70
N LEU C 81 -20.13 6.98 7.77
CA LEU C 81 -18.99 7.90 7.53
C LEU C 81 -18.32 7.70 6.18
N ARG C 82 -18.48 6.50 5.62
CA ARG C 82 -17.75 6.09 4.41
C ARG C 82 -18.74 5.50 3.42
N ALA C 83 -18.35 5.43 2.15
CA ALA C 83 -19.18 4.82 1.11
C ALA C 83 -18.33 4.02 0.14
N LEU C 84 -18.95 2.98 -0.40
CA LEU C 84 -18.39 2.19 -1.49
C LEU C 84 -18.85 2.83 -2.82
N VAL C 85 -17.88 3.22 -3.64
CA VAL C 85 -18.17 3.82 -4.94
C VAL C 85 -17.49 3.02 -6.06
N VAL C 86 -18.03 3.12 -7.27
CA VAL C 86 -17.45 2.41 -8.42
C VAL C 86 -17.07 3.43 -9.51
N GLY C 87 -15.81 3.40 -9.90
CA GLY C 87 -15.28 4.31 -10.91
C GLY C 87 -15.52 3.86 -12.34
N HIS C 88 -15.10 4.69 -13.29
CA HIS C 88 -15.42 4.51 -14.69
C HIS C 88 -15.00 3.16 -15.30
N ALA C 89 -13.88 2.62 -14.82
CA ALA C 89 -13.36 1.32 -15.30
C ALA C 89 -13.63 0.17 -14.31
N ASP C 90 -14.73 0.31 -13.57
CA ASP C 90 -15.22 -0.67 -12.59
C ASP C 90 -14.33 -0.88 -11.36
N GLU C 91 -13.45 0.08 -11.12
CA GLU C 91 -12.65 0.14 -9.90
C GLU C 91 -13.58 0.46 -8.73
N GLU C 92 -13.67 -0.44 -7.75
CA GLU C 92 -14.39 -0.16 -6.51
C GLU C 92 -13.45 0.38 -5.44
N ARG C 93 -13.93 1.36 -4.67
CA ARG C 93 -13.13 1.99 -3.62
C ARG C 93 -14.04 2.39 -2.48
N ILE C 94 -13.45 2.48 -1.29
CA ILE C 94 -14.10 3.07 -0.12
C ILE C 94 -13.61 4.52 -0.01
N VAL C 95 -14.53 5.47 0.15
CA VAL C 95 -14.15 6.88 0.38
C VAL C 95 -14.85 7.44 1.63
N TRP C 96 -14.29 8.48 2.25
CA TRP C 96 -14.99 9.19 3.31
C TRP C 96 -16.09 10.09 2.69
N LEU C 97 -17.19 10.27 3.40
CA LEU C 97 -18.19 11.28 3.01
C LEU C 97 -17.85 12.66 3.56
N ALA C 98 -17.76 13.65 2.67
CA ALA C 98 -17.60 15.04 3.11
C ALA C 98 -18.82 15.46 3.94
N ALA C 99 -18.64 16.45 4.79
CA ALA C 99 -19.72 16.87 5.70
C ALA C 99 -21.08 17.07 5.03
N PRO C 100 -21.14 17.73 3.85
CA PRO C 100 -22.47 17.91 3.20
C PRO C 100 -23.18 16.59 2.85
N LEU C 101 -22.43 15.60 2.38
CA LEU C 101 -23.00 14.28 2.07
C LEU C 101 -23.31 13.46 3.31
N ALA C 102 -22.49 13.57 4.35
CA ALA C 102 -22.74 12.88 5.61
C ALA C 102 -24.17 13.16 6.06
N ALA C 103 -24.77 14.21 5.51
CA ALA C 103 -26.22 14.49 5.59
C ALA C 103 -27.07 13.83 4.45
N VAL C 104 -27.37 12.54 4.63
CA VAL C 104 -28.32 11.72 3.80
C VAL C 104 -27.91 11.37 2.33
N PHE C 105 -28.65 10.44 1.70
CA PHE C 105 -28.31 9.88 0.37
C PHE C 105 -29.42 9.15 -0.40
N ALA C 106 -29.15 7.86 -0.71
CA ALA C 106 -30.15 6.84 -1.08
C ALA C 106 -30.04 6.20 -2.48
N ASP C 107 -29.25 5.14 -2.57
CA ASP C 107 -29.21 4.26 -3.76
C ASP C 107 -28.61 2.86 -3.49
N PRO C 108 -28.57 1.99 -4.53
CA PRO C 108 -28.51 0.53 -4.50
C PRO C 108 -28.33 -0.22 -3.16
N GLU C 109 -29.30 -1.06 -2.77
CA GLU C 109 -30.59 -1.28 -3.46
C GLU C 109 -30.54 -1.33 -5.00
N GLY C 127 -26.47 4.23 -7.25
CA GLY C 127 -26.79 4.86 -8.51
C GLY C 127 -26.50 6.35 -8.57
N ASP C 128 -26.47 7.01 -7.41
CA ASP C 128 -26.19 8.45 -7.32
C ASP C 128 -24.77 8.72 -7.83
N SER C 129 -24.63 9.81 -8.56
CA SER C 129 -23.31 10.23 -9.05
C SER C 129 -22.67 11.17 -8.05
N LEU C 130 -21.45 10.83 -7.63
CA LEU C 130 -20.72 11.62 -6.64
C LEU C 130 -19.41 12.17 -7.20
N LEU C 131 -19.15 13.44 -6.92
CA LEU C 131 -17.82 14.01 -7.16
C LEU C 131 -16.87 13.44 -6.09
N VAL C 132 -15.77 12.83 -6.54
CA VAL C 132 -14.80 12.17 -5.67
C VAL C 132 -13.38 12.63 -5.95
N ASP C 133 -12.52 12.52 -4.95
CA ASP C 133 -11.07 12.64 -5.14
C ASP C 133 -10.53 11.33 -4.55
N THR C 134 -10.17 10.39 -5.43
CA THR C 134 -9.75 9.07 -4.96
C THR C 134 -8.37 9.09 -4.30
N LYS C 135 -7.55 10.09 -4.59
CA LYS C 135 -6.23 10.20 -3.94
C LYS C 135 -6.38 10.58 -2.47
N ALA C 136 -7.27 11.57 -2.22
CA ALA C 136 -7.54 12.03 -0.84
C ALA C 136 -8.51 11.07 -0.16
N GLY C 137 -9.26 10.32 -0.96
CA GLY C 137 -10.23 9.37 -0.42
C GLY C 137 -11.52 9.97 0.09
N TYR C 138 -12.04 10.96 -0.63
CA TYR C 138 -13.28 11.67 -0.26
C TYR C 138 -14.28 11.76 -1.40
N ALA C 139 -15.57 11.74 -1.03
CA ALA C 139 -16.63 12.19 -1.90
C ALA C 139 -17.18 13.50 -1.36
N PHE C 140 -17.43 14.46 -2.26
CA PHE C 140 -17.76 15.83 -1.87
C PHE C 140 -19.18 16.28 -2.13
N GLU C 141 -19.75 15.83 -3.24
CA GLU C 141 -20.97 16.44 -3.78
C GLU C 141 -21.73 15.43 -4.63
N ARG C 142 -23.07 15.46 -4.59
CA ARG C 142 -23.88 14.63 -5.47
C ARG C 142 -24.32 15.47 -6.69
N ILE C 143 -24.30 14.83 -7.85
CA ILE C 143 -24.62 15.49 -9.12
C ILE C 143 -25.91 14.90 -9.72
N PRO C 144 -27.09 15.46 -9.34
CA PRO C 144 -28.33 15.56 -10.08
C PRO C 144 -28.76 17.04 -10.10
N LYS C 145 -29.73 17.38 -9.25
CA LYS C 145 -29.93 18.74 -8.74
C LYS C 145 -29.86 18.68 -7.20
N ALA C 146 -28.67 18.87 -6.64
CA ALA C 146 -28.46 18.73 -5.20
C ALA C 146 -27.51 19.78 -4.61
N GLU C 147 -27.89 20.29 -3.43
CA GLU C 147 -27.09 21.26 -2.68
C GLU C 147 -27.14 20.95 -1.18
#